data_9KSS
#
_entry.id   9KSS
#
_cell.length_a   80.402
_cell.length_b   119.645
_cell.length_c   47.430
_cell.angle_alpha   90.00
_cell.angle_beta   90.00
_cell.angle_gamma   90.00
#
_symmetry.space_group_name_H-M   'P 21 21 2'
#
loop_
_entity.id
_entity.type
_entity.pdbx_description
1 polymer 'UDP-glycosyltransferase 79B30-like'
2 non-polymer 2-[3,4-bis(oxidanyl)phenyl]-3-[(2S,3R,4S,5R,6R)-6-(hydroxymethyl)-3,4,5-tris(oxidanyl)oxan-2-yl]oxy-5,7-bis(oxidanyl)chromen-4-one
3 non-polymer "URIDINE-5'-DIPHOSPHATE"
4 water water
#
_entity_poly.entity_id   1
_entity_poly.type   'polypeptide(L)'
_entity_poly.pdbx_seq_one_letter_code
;MDSPSSLHIAMFPWFAMGHLIPYLHLSNKLAKRGHKISFFTPKKTQTKLEQFNLYPNLITFYPLNVPHVDGLPFGAETTS
DVAISLGPILMTAMDQTQNQIELLLTQLKPQIIFFDFVFWLPKITQRLGIKSFLYFIINPATISYTTSPPRMFEAENLTE
VDLMKPPKGYPTSFNLQSHEAKHLASTRKIEFGSGIPFSVRSYNCLSLTDAIGFKGCREIEGPYVDYLQEQFGKPVLLSG
PVLPEQSKTALDEKWGSWLGGFKDGSLVYCALGSELKLKQDQFHELLLGLELTGFPFLAILKPPVGFETIEDALPEGFKE
RVKEKGIVHSGWIQQQLILEHPSVGCFVTHCGAGSITEGLVNNCQMVLLPQLNGDYIINARIMGRHLKVGVEVKKGEEDG
LFTKESVYEAVKIVMDDENEIGREVRSNHTKVRNLLLRHDLESSCLDTFCEKLQELVS
;
_entity_poly.pdbx_strand_id   A
#
# COMPACT_ATOMS: atom_id res chain seq x y z
N SER A 5 -17.64 16.42 -20.61
CA SER A 5 -18.19 15.12 -20.98
C SER A 5 -17.58 14.01 -20.13
N SER A 6 -18.31 12.91 -20.00
CA SER A 6 -17.86 11.82 -19.15
C SER A 6 -16.94 10.87 -19.91
N LEU A 7 -15.95 10.33 -19.20
CA LEU A 7 -14.96 9.44 -19.77
C LEU A 7 -15.33 7.99 -19.49
N HIS A 8 -14.89 7.10 -20.36
CA HIS A 8 -14.97 5.67 -20.10
C HIS A 8 -13.56 5.21 -19.79
N ILE A 9 -13.34 4.76 -18.56
CA ILE A 9 -12.03 4.38 -18.05
C ILE A 9 -12.07 2.91 -17.67
N ALA A 10 -11.10 2.14 -18.14
CA ALA A 10 -10.89 0.77 -17.71
C ALA A 10 -9.84 0.73 -16.60
N MET A 11 -10.04 -0.17 -15.63
CA MET A 11 -9.17 -0.33 -14.48
C MET A 11 -8.53 -1.72 -14.53
N PHE A 12 -7.20 -1.77 -14.57
CA PHE A 12 -6.43 -3.02 -14.59
C PHE A 12 -5.35 -3.00 -13.51
N PRO A 13 -5.71 -3.09 -12.23
CA PRO A 13 -4.71 -3.09 -11.17
C PRO A 13 -4.01 -4.44 -11.00
N TRP A 14 -2.84 -4.38 -10.36
CA TRP A 14 -2.14 -5.59 -9.95
C TRP A 14 -3.02 -6.43 -9.04
N PHE A 15 -2.83 -7.75 -9.10
CA PHE A 15 -3.61 -8.72 -8.34
C PHE A 15 -3.20 -8.73 -6.87
N ALA A 16 -3.56 -7.68 -6.15
CA ALA A 16 -3.21 -7.51 -4.74
C ALA A 16 -4.29 -6.66 -4.10
N MET A 17 -4.68 -7.00 -2.87
CA MET A 17 -5.74 -6.25 -2.21
C MET A 17 -5.36 -4.79 -2.04
N GLY A 18 -4.08 -4.52 -1.81
CA GLY A 18 -3.62 -3.14 -1.64
C GLY A 18 -3.63 -2.32 -2.90
N HIS A 19 -3.85 -2.94 -4.05
CA HIS A 19 -4.07 -2.21 -5.29
C HIS A 19 -5.54 -2.21 -5.68
N LEU A 20 -6.21 -3.37 -5.54
CA LEU A 20 -7.63 -3.46 -5.87
C LEU A 20 -8.48 -2.49 -5.04
N ILE A 21 -8.21 -2.40 -3.74
CA ILE A 21 -9.04 -1.58 -2.85
C ILE A 21 -8.91 -0.09 -3.19
N PRO A 22 -7.71 0.51 -3.29
CA PRO A 22 -7.68 1.95 -3.63
C PRO A 22 -8.09 2.24 -5.06
N TYR A 23 -7.82 1.33 -6.01
CA TYR A 23 -8.37 1.50 -7.35
C TYR A 23 -9.88 1.61 -7.30
N LEU A 24 -10.51 0.84 -6.41
CA LEU A 24 -11.97 0.85 -6.31
C LEU A 24 -12.45 2.09 -5.54
N HIS A 25 -11.74 2.50 -4.49
CA HIS A 25 -12.05 3.78 -3.87
C HIS A 25 -12.04 4.89 -4.92
N LEU A 26 -11.01 4.94 -5.74
CA LEU A 26 -10.92 5.98 -6.77
C LEU A 26 -12.02 5.81 -7.81
N SER A 27 -12.29 4.56 -8.22
CA SER A 27 -13.41 4.29 -9.15
C SER A 27 -14.70 4.92 -8.64
N ASN A 28 -14.98 4.78 -7.35
CA ASN A 28 -16.20 5.36 -6.79
C ASN A 28 -16.21 6.88 -6.92
N LYS A 29 -15.08 7.52 -6.64
CA LYS A 29 -15.01 8.98 -6.74
C LYS A 29 -15.22 9.45 -8.17
N LEU A 30 -14.69 8.68 -9.13
CA LEU A 30 -14.85 9.05 -10.53
C LEU A 30 -16.27 8.80 -11.00
N ALA A 31 -16.89 7.72 -10.53
CA ALA A 31 -18.28 7.44 -10.91
C ALA A 31 -19.24 8.46 -10.32
N LYS A 32 -18.92 9.02 -9.16
CA LYS A 32 -19.74 10.09 -8.61
C LYS A 32 -19.72 11.32 -9.50
N ARG A 33 -18.64 11.51 -10.27
CA ARG A 33 -18.53 12.60 -11.22
C ARG A 33 -19.08 12.23 -12.59
N GLY A 34 -19.72 11.07 -12.72
CA GLY A 34 -20.39 10.66 -13.95
C GLY A 34 -19.56 9.81 -14.89
N HIS A 35 -18.36 9.41 -14.51
CA HIS A 35 -17.52 8.64 -15.42
C HIS A 35 -17.88 7.17 -15.34
N LYS A 36 -17.76 6.48 -16.46
CA LYS A 36 -18.08 5.08 -16.54
C LYS A 36 -16.81 4.27 -16.33
N ILE A 37 -16.86 3.26 -15.47
CA ILE A 37 -15.68 2.48 -15.09
C ILE A 37 -15.90 1.03 -15.48
N SER A 38 -14.94 0.46 -16.22
CA SER A 38 -14.88 -0.97 -16.50
C SER A 38 -13.73 -1.54 -15.66
N PHE A 39 -14.07 -2.31 -14.64
CA PHE A 39 -13.10 -2.74 -13.63
C PHE A 39 -12.72 -4.22 -13.84
N PHE A 40 -11.47 -4.45 -14.24
CA PHE A 40 -10.97 -5.81 -14.49
C PHE A 40 -10.47 -6.41 -13.18
N THR A 41 -10.99 -7.58 -12.83
CA THR A 41 -10.62 -8.23 -11.57
C THR A 41 -10.52 -9.74 -11.79
N PRO A 42 -9.60 -10.41 -11.08
CA PRO A 42 -9.63 -11.88 -11.06
C PRO A 42 -11.01 -12.38 -10.66
N LYS A 43 -11.41 -13.50 -11.27
CA LYS A 43 -12.82 -13.91 -11.24
C LYS A 43 -13.31 -14.16 -9.82
N LYS A 44 -12.63 -15.02 -9.06
CA LYS A 44 -13.13 -15.37 -7.73
C LYS A 44 -13.05 -14.18 -6.79
N THR A 45 -12.08 -13.30 -7.00
CA THR A 45 -11.90 -12.16 -6.12
C THR A 45 -13.02 -11.14 -6.26
N GLN A 46 -13.79 -11.17 -7.35
CA GLN A 46 -14.84 -10.19 -7.53
C GLN A 46 -15.82 -10.17 -6.35
N THR A 47 -16.18 -11.35 -5.82
CA THR A 47 -17.13 -11.40 -4.70
C THR A 47 -16.65 -10.57 -3.51
N LYS A 48 -15.35 -10.62 -3.22
CA LYS A 48 -14.83 -9.82 -2.12
C LYS A 48 -14.76 -8.33 -2.45
N LEU A 49 -14.87 -7.97 -3.72
CA LEU A 49 -14.77 -6.56 -4.12
C LEU A 49 -16.13 -5.86 -4.17
N GLU A 50 -17.24 -6.62 -4.19
CA GLU A 50 -18.55 -6.00 -4.35
C GLU A 50 -18.89 -5.04 -3.21
N GLN A 51 -18.34 -5.29 -2.01
CA GLN A 51 -18.63 -4.43 -0.88
C GLN A 51 -18.15 -3.01 -1.09
N PHE A 52 -17.17 -2.80 -1.95
CA PHE A 52 -16.60 -1.48 -2.20
C PHE A 52 -17.19 -0.79 -3.42
N ASN A 53 -18.09 -1.44 -4.14
CA ASN A 53 -18.69 -0.85 -5.34
C ASN A 53 -19.95 -0.09 -4.92
N LEU A 54 -19.83 1.24 -4.81
CA LEU A 54 -20.93 2.09 -4.39
C LEU A 54 -21.77 2.61 -5.56
N TYR A 55 -21.36 2.36 -6.81
CA TYR A 55 -22.07 2.84 -7.99
C TYR A 55 -22.18 1.71 -9.01
N PRO A 56 -22.95 0.66 -8.70
CA PRO A 56 -22.98 -0.52 -9.57
C PRO A 56 -23.48 -0.25 -10.99
N ASN A 57 -24.21 0.85 -11.20
CA ASN A 57 -24.68 1.16 -12.56
C ASN A 57 -23.61 1.84 -13.40
N LEU A 58 -22.53 2.33 -12.80
CA LEU A 58 -21.45 2.97 -13.52
C LEU A 58 -20.14 2.21 -13.43
N ILE A 59 -19.94 1.42 -12.39
CA ILE A 59 -18.77 0.58 -12.22
C ILE A 59 -19.20 -0.86 -12.45
N THR A 60 -18.74 -1.46 -13.54
CA THR A 60 -19.02 -2.85 -13.88
C THR A 60 -17.74 -3.67 -13.76
N PHE A 61 -17.82 -4.81 -13.06
CA PHE A 61 -16.70 -5.73 -12.98
C PHE A 61 -16.68 -6.64 -14.18
N TYR A 62 -15.47 -6.89 -14.70
CA TYR A 62 -15.25 -7.85 -15.78
C TYR A 62 -14.22 -8.86 -15.30
N PRO A 63 -14.57 -10.15 -15.22
CA PRO A 63 -13.69 -11.15 -14.61
C PRO A 63 -12.55 -11.57 -15.52
N LEU A 64 -11.40 -11.84 -14.91
CA LEU A 64 -10.24 -12.36 -15.58
C LEU A 64 -9.96 -13.73 -15.01
N ASN A 65 -9.67 -14.69 -15.88
CA ASN A 65 -9.23 -16.01 -15.45
C ASN A 65 -7.72 -15.95 -15.28
N VAL A 66 -7.26 -16.11 -14.04
CA VAL A 66 -5.82 -16.09 -13.78
C VAL A 66 -5.22 -17.36 -14.34
N PRO A 67 -4.39 -17.27 -15.37
CA PRO A 67 -3.91 -18.50 -16.03
C PRO A 67 -2.97 -19.29 -15.13
N HIS A 68 -2.89 -20.59 -15.43
CA HIS A 68 -1.91 -21.43 -14.76
C HIS A 68 -0.50 -21.09 -15.18
N VAL A 69 0.40 -21.03 -14.21
CA VAL A 69 1.83 -20.92 -14.43
C VAL A 69 2.49 -21.91 -13.49
N ASP A 70 3.45 -22.69 -14.01
CA ASP A 70 4.09 -23.70 -13.19
C ASP A 70 4.70 -23.04 -11.96
N GLY A 71 4.31 -23.53 -10.78
CA GLY A 71 4.76 -23.00 -9.52
C GLY A 71 3.72 -22.16 -8.82
N LEU A 72 2.73 -21.66 -9.54
CA LEU A 72 1.66 -20.91 -8.90
C LEU A 72 0.72 -21.88 -8.20
N PRO A 73 0.45 -21.70 -6.92
CA PRO A 73 -0.50 -22.58 -6.24
C PRO A 73 -1.87 -22.55 -6.88
N PHE A 74 -2.52 -23.71 -6.89
CA PHE A 74 -3.76 -23.88 -7.62
C PHE A 74 -4.83 -22.93 -7.13
N GLY A 75 -5.50 -22.25 -8.07
CA GLY A 75 -6.61 -21.40 -7.73
C GLY A 75 -6.23 -20.02 -7.24
N ALA A 76 -4.94 -19.71 -7.14
CA ALA A 76 -4.50 -18.44 -6.56
C ALA A 76 -4.81 -17.28 -7.50
N GLU A 77 -5.20 -16.15 -6.91
CA GLU A 77 -5.56 -15.00 -7.73
C GLU A 77 -4.88 -13.71 -7.28
N THR A 78 -4.58 -13.57 -6.00
CA THR A 78 -3.96 -12.34 -5.49
C THR A 78 -2.75 -12.69 -4.62
N THR A 79 -1.96 -11.65 -4.32
CA THR A 79 -0.80 -11.83 -3.46
C THR A 79 -1.20 -12.27 -2.06
N SER A 80 -2.46 -12.12 -1.68
CA SER A 80 -2.90 -12.65 -0.40
C SER A 80 -3.02 -14.17 -0.43
N ASP A 81 -2.99 -14.77 -1.62
CA ASP A 81 -3.11 -16.22 -1.77
C ASP A 81 -1.79 -16.95 -1.80
N VAL A 82 -0.66 -16.23 -1.91
CA VAL A 82 0.64 -16.85 -2.16
C VAL A 82 1.67 -16.21 -1.25
N ALA A 83 2.71 -16.98 -0.93
CA ALA A 83 3.85 -16.41 -0.22
C ALA A 83 4.47 -15.30 -1.05
N ILE A 84 5.15 -14.36 -0.38
CA ILE A 84 5.75 -13.24 -1.08
C ILE A 84 6.74 -13.74 -2.14
N SER A 85 7.44 -14.84 -1.87
CA SER A 85 8.41 -15.39 -2.81
C SER A 85 7.76 -15.91 -4.10
N LEU A 86 6.45 -16.09 -4.14
CA LEU A 86 5.74 -16.56 -5.32
C LEU A 86 5.14 -15.41 -6.12
N GLY A 87 5.28 -14.17 -5.65
CA GLY A 87 4.80 -13.04 -6.40
C GLY A 87 5.26 -12.96 -7.84
N PRO A 88 6.51 -13.29 -8.15
CA PRO A 88 6.93 -13.25 -9.56
C PRO A 88 6.17 -14.22 -10.44
N ILE A 89 5.73 -15.35 -9.89
CA ILE A 89 4.96 -16.29 -10.70
C ILE A 89 3.57 -15.74 -10.95
N LEU A 90 3.00 -15.05 -9.96
CA LEU A 90 1.71 -14.40 -10.16
C LEU A 90 1.83 -13.28 -11.19
N MET A 91 2.96 -12.58 -11.21
CA MET A 91 3.20 -11.63 -12.30
C MET A 91 3.25 -12.28 -13.66
N THR A 92 3.88 -13.45 -13.78
CA THR A 92 3.81 -14.15 -15.05
C THR A 92 2.37 -14.41 -15.43
N ALA A 93 1.52 -14.77 -14.45
CA ALA A 93 0.12 -15.00 -14.74
C ALA A 93 -0.59 -13.71 -15.20
N MET A 94 -0.33 -12.56 -14.55
CA MET A 94 -0.84 -11.30 -15.08
C MET A 94 -0.42 -11.08 -16.53
N ASP A 95 0.87 -11.26 -16.81
CA ASP A 95 1.36 -11.10 -18.18
C ASP A 95 0.56 -11.97 -19.14
N GLN A 96 0.19 -13.16 -18.69
CA GLN A 96 -0.49 -14.12 -19.56
C GLN A 96 -1.98 -13.85 -19.74
N THR A 97 -2.53 -12.83 -19.05
CA THR A 97 -3.89 -12.38 -19.32
C THR A 97 -3.97 -11.51 -20.57
N GLN A 98 -2.87 -11.33 -21.29
CA GLN A 98 -2.86 -10.38 -22.40
C GLN A 98 -3.96 -10.69 -23.41
N ASN A 99 -4.21 -11.98 -23.68
CA ASN A 99 -5.21 -12.31 -24.68
C ASN A 99 -6.61 -11.89 -24.22
N GLN A 100 -6.95 -12.14 -22.96
CA GLN A 100 -8.28 -11.74 -22.54
C GLN A 100 -8.37 -10.24 -22.31
N ILE A 101 -7.24 -9.56 -22.07
CA ILE A 101 -7.25 -8.10 -21.98
C ILE A 101 -7.49 -7.48 -23.36
N GLU A 102 -6.80 -8.00 -24.39
CA GLU A 102 -7.02 -7.49 -25.74
C GLU A 102 -8.48 -7.63 -26.16
N LEU A 103 -9.09 -8.77 -25.86
CA LEU A 103 -10.49 -8.96 -26.19
C LEU A 103 -11.36 -7.93 -25.47
N LEU A 104 -11.12 -7.74 -24.17
CA LEU A 104 -11.92 -6.81 -23.39
C LEU A 104 -11.81 -5.39 -23.91
N LEU A 105 -10.60 -4.97 -24.32
CA LEU A 105 -10.43 -3.61 -24.81
C LEU A 105 -11.11 -3.41 -26.16
N THR A 106 -11.09 -4.43 -27.03
CA THR A 106 -11.74 -4.29 -28.33
C THR A 106 -13.26 -4.25 -28.19
N GLN A 107 -13.82 -5.01 -27.24
CA GLN A 107 -15.27 -4.95 -27.06
C GLN A 107 -15.71 -3.72 -26.30
N LEU A 108 -14.99 -3.34 -25.25
CA LEU A 108 -15.47 -2.26 -24.39
C LEU A 108 -15.06 -0.89 -24.90
N LYS A 109 -13.96 -0.80 -25.62
CA LYS A 109 -13.45 0.45 -26.18
C LYS A 109 -13.44 1.61 -25.18
N PRO A 110 -12.70 1.50 -24.09
CA PRO A 110 -12.55 2.65 -23.20
C PRO A 110 -11.62 3.70 -23.80
N GLN A 111 -11.73 4.93 -23.29
CA GLN A 111 -10.84 5.99 -23.76
C GLN A 111 -9.47 5.92 -23.10
N ILE A 112 -9.41 5.44 -21.85
CA ILE A 112 -8.20 5.36 -21.05
C ILE A 112 -8.25 4.04 -20.29
N ILE A 113 -7.09 3.43 -20.07
CA ILE A 113 -6.98 2.31 -19.14
C ILE A 113 -5.90 2.63 -18.10
N PHE A 114 -6.29 2.55 -16.82
CA PHE A 114 -5.37 2.63 -15.70
C PHE A 114 -4.78 1.24 -15.46
N PHE A 115 -3.46 1.14 -15.24
CA PHE A 115 -2.85 -0.18 -15.10
C PHE A 115 -1.64 -0.14 -14.17
N ASP A 116 -1.30 -1.32 -13.64
CA ASP A 116 -0.01 -1.65 -13.03
C ASP A 116 0.82 -2.61 -13.86
N PHE A 117 2.15 -2.45 -13.81
CA PHE A 117 3.11 -3.52 -14.12
C PHE A 117 3.20 -4.02 -15.56
N VAL A 118 2.13 -4.01 -16.34
CA VAL A 118 2.10 -4.75 -17.63
C VAL A 118 2.61 -3.81 -18.73
N PHE A 119 3.92 -3.75 -18.88
CA PHE A 119 4.53 -2.83 -19.86
C PHE A 119 4.21 -3.19 -21.32
N LEU A 121 1.21 -3.40 -22.37
CA LEU A 121 -0.15 -2.89 -22.59
C LEU A 121 -0.16 -1.62 -23.45
N PRO A 122 0.77 -0.68 -23.25
CA PRO A 122 0.71 0.54 -24.08
C PRO A 122 0.81 0.28 -25.58
N LYS A 123 1.48 -0.79 -26.00
CA LYS A 123 1.53 -1.11 -27.43
C LYS A 123 0.15 -1.52 -27.95
N ILE A 124 -0.60 -2.28 -27.16
CA ILE A 124 -1.95 -2.68 -27.55
C ILE A 124 -2.88 -1.47 -27.58
N THR A 125 -2.86 -0.66 -26.53
CA THR A 125 -3.79 0.45 -26.45
C THR A 125 -3.57 1.44 -27.58
N GLN A 126 -2.32 1.73 -27.91
CA GLN A 126 -2.11 2.74 -28.95
C GLN A 126 -2.48 2.20 -30.32
N ARG A 127 -2.39 0.87 -30.52
CA ARG A 127 -2.97 0.24 -31.70
C ARG A 127 -4.48 0.45 -31.76
N LEU A 128 -5.14 0.42 -30.60
CA LEU A 128 -6.57 0.57 -30.51
C LEU A 128 -7.01 2.02 -30.30
N GLY A 129 -6.08 2.96 -30.26
CA GLY A 129 -6.45 4.34 -30.00
C GLY A 129 -6.90 4.61 -28.58
N ILE A 130 -6.45 3.81 -27.62
CA ILE A 130 -6.75 3.99 -26.20
C ILE A 130 -5.52 4.59 -25.53
N LYS A 131 -5.72 5.48 -24.56
CA LYS A 131 -4.61 6.09 -23.85
C LYS A 131 -4.22 5.22 -22.66
N SER A 132 -2.92 4.97 -22.50
CA SER A 132 -2.43 4.16 -21.38
C SER A 132 -2.04 5.06 -20.22
N PHE A 133 -2.48 4.68 -19.01
CA PHE A 133 -2.25 5.50 -17.83
C PHE A 133 -1.72 4.59 -16.73
N LEU A 134 -0.43 4.72 -16.44
CA LEU A 134 0.21 3.93 -15.39
C LEU A 134 -0.16 4.56 -14.04
N TYR A 135 -0.99 3.89 -13.24
CA TYR A 135 -1.53 4.53 -12.03
C TYR A 135 -1.01 3.79 -10.79
N PHE A 136 -0.12 4.47 -10.04
CA PHE A 136 0.51 3.91 -8.85
C PHE A 136 -0.27 4.25 -7.59
N ILE A 137 -0.44 3.26 -6.72
CA ILE A 137 -0.93 3.55 -5.37
C ILE A 137 0.20 3.46 -4.34
N ILE A 138 1.44 3.30 -4.78
CA ILE A 138 2.61 3.39 -3.92
C ILE A 138 3.12 4.82 -3.96
N ASN A 139 4.10 5.12 -3.14
CA ASN A 139 4.58 6.48 -2.98
C ASN A 139 5.43 6.88 -4.19
N PRO A 140 5.21 8.06 -4.80
CA PRO A 140 6.11 8.46 -5.89
C PRO A 140 7.52 8.70 -5.40
N ALA A 141 7.71 8.85 -4.09
CA ALA A 141 9.06 8.96 -3.52
C ALA A 141 9.82 7.67 -3.72
N THR A 142 9.12 6.53 -3.69
CA THR A 142 9.72 5.23 -3.90
C THR A 142 10.15 5.05 -5.34
N ILE A 143 9.21 5.24 -6.28
CA ILE A 143 9.55 5.15 -7.70
C ILE A 143 10.68 6.10 -8.06
N SER A 144 10.63 7.35 -7.56
CA SER A 144 11.70 8.32 -7.80
C SER A 144 13.05 7.82 -7.31
N TYR A 145 13.08 7.15 -6.16
CA TYR A 145 14.34 6.72 -5.58
C TYR A 145 14.97 5.55 -6.31
N THR A 146 14.16 4.62 -6.84
CA THR A 146 14.69 3.36 -7.33
C THR A 146 14.63 3.18 -8.84
N THR A 147 13.75 3.93 -9.52
CA THR A 147 13.41 3.64 -10.91
C THR A 147 13.51 4.87 -11.81
N SER A 148 14.11 5.96 -11.34
CA SER A 148 14.33 7.11 -12.20
C SER A 148 15.49 6.79 -13.14
N PRO A 149 15.56 7.47 -14.29
CA PRO A 149 16.57 7.11 -15.31
C PRO A 149 17.99 7.06 -14.76
N PRO A 150 18.41 7.98 -13.88
CA PRO A 150 19.79 7.86 -13.36
C PRO A 150 20.09 6.52 -12.71
N ARG A 151 19.08 5.84 -12.14
CA ARG A 151 19.33 4.53 -11.53
C ARG A 151 19.45 3.43 -12.57
N MET A 152 18.64 3.50 -13.64
CA MET A 152 18.57 2.41 -14.63
C MET A 152 19.78 2.37 -15.56
N PHE A 153 20.42 3.51 -15.81
CA PHE A 153 21.59 3.54 -16.68
C PHE A 153 22.83 2.94 -16.02
N GLU A 154 22.83 2.83 -14.70
CA GLU A 154 23.90 2.09 -14.04
C GLU A 154 23.77 0.59 -14.24
N ALA A 155 22.58 0.11 -14.63
CA ALA A 155 22.36 -1.31 -14.99
C ALA A 155 22.76 -2.18 -13.80
N GLU A 156 23.60 -3.20 -13.98
CA GLU A 156 24.05 -4.05 -12.87
C GLU A 156 25.21 -3.46 -12.06
N ASN A 157 25.60 -2.21 -12.32
CA ASN A 157 26.63 -1.54 -11.54
C ASN A 157 26.06 -0.71 -10.41
N LEU A 158 24.78 -0.89 -10.09
CA LEU A 158 24.14 -0.16 -8.98
C LEU A 158 24.33 -1.02 -7.73
N THR A 159 25.12 -0.53 -6.78
CA THR A 159 25.46 -1.29 -5.58
C THR A 159 24.67 -0.79 -4.38
N GLU A 160 24.83 -1.49 -3.25
CA GLU A 160 24.24 -1.04 -2.00
C GLU A 160 24.75 0.33 -1.59
N VAL A 161 26.01 0.63 -1.89
CA VAL A 161 26.52 1.96 -1.57
C VAL A 161 25.87 3.02 -2.46
N ASP A 162 25.62 2.67 -3.73
CA ASP A 162 24.88 3.56 -4.62
C ASP A 162 23.48 3.86 -4.07
N LEU A 163 22.82 2.85 -3.52
CA LEU A 163 21.45 3.03 -3.07
C LEU A 163 21.36 3.68 -1.69
N MET A 164 22.49 3.95 -1.05
CA MET A 164 22.46 4.71 0.19
C MET A 164 22.32 6.21 -0.06
N LYS A 165 22.56 6.67 -1.33
CA LYS A 165 22.37 8.04 -1.78
C LYS A 165 21.14 8.11 -2.70
N PRO A 166 20.42 9.23 -2.69
CA PRO A 166 19.35 9.40 -3.66
C PRO A 166 19.92 9.58 -5.05
N PRO A 167 19.12 9.31 -6.08
CA PRO A 167 19.58 9.55 -7.45
C PRO A 167 19.76 11.04 -7.70
N LYS A 168 20.49 11.36 -8.77
CA LYS A 168 20.76 12.75 -9.09
C LYS A 168 19.46 13.52 -9.29
N GLY A 169 19.34 14.66 -8.61
CA GLY A 169 18.17 15.50 -8.72
C GLY A 169 17.04 15.17 -7.77
N TYR A 170 17.15 14.11 -6.98
CA TYR A 170 16.07 13.72 -6.08
C TYR A 170 15.74 14.86 -5.13
N PRO A 171 14.46 15.13 -4.89
CA PRO A 171 14.11 16.41 -4.25
C PRO A 171 14.23 16.46 -2.73
N THR A 172 14.32 15.35 -2.01
CA THR A 172 14.34 15.37 -0.55
C THR A 172 15.47 14.50 -0.02
N SER A 173 15.71 14.59 1.28
CA SER A 173 16.77 13.84 1.94
C SER A 173 16.19 12.95 3.03
N PHE A 174 16.60 11.68 3.04
CA PHE A 174 16.36 10.77 4.15
C PHE A 174 17.40 9.67 4.08
N ASN A 175 17.51 8.92 5.18
CA ASN A 175 18.58 7.94 5.37
C ASN A 175 18.01 6.54 5.30
N LEU A 176 18.75 5.67 4.63
CA LEU A 176 18.47 4.25 4.67
C LEU A 176 19.50 3.57 5.54
N GLN A 177 19.09 2.48 6.16
CA GLN A 177 20.06 1.66 6.88
C GLN A 177 20.73 0.72 5.89
N SER A 178 21.91 0.22 6.29
CA SER A 178 22.69 -0.64 5.42
C SER A 178 21.87 -1.82 4.90
N HIS A 179 21.16 -2.53 5.79
CA HIS A 179 20.43 -3.70 5.32
C HIS A 179 19.33 -3.32 4.33
N GLU A 180 18.81 -2.11 4.42
CA GLU A 180 17.74 -1.68 3.51
C GLU A 180 18.30 -1.42 2.11
N ALA A 181 19.45 -0.73 2.04
CA ALA A 181 20.07 -0.53 0.74
C ALA A 181 20.55 -1.85 0.14
N LYS A 182 21.01 -2.78 0.97
CA LYS A 182 21.34 -4.12 0.48
C LYS A 182 20.12 -4.80 -0.13
N HIS A 183 18.97 -4.67 0.55
CA HIS A 183 17.73 -5.25 0.04
C HIS A 183 17.37 -4.64 -1.31
N LEU A 184 17.39 -3.30 -1.40
CA LEU A 184 17.06 -2.63 -2.66
C LEU A 184 18.03 -3.02 -3.77
N ALA A 185 19.32 -3.21 -3.44
CA ALA A 185 20.30 -3.48 -4.49
C ALA A 185 20.16 -4.89 -5.05
N SER A 186 19.80 -5.85 -4.23
CA SER A 186 19.66 -7.22 -4.73
C SER A 186 18.31 -7.46 -5.37
N THR A 187 17.23 -7.03 -4.72
CA THR A 187 15.89 -7.42 -5.19
C THR A 187 15.52 -6.73 -6.50
N ARG A 188 16.06 -5.53 -6.70
CA ARG A 188 15.96 -4.83 -7.97
C ARG A 188 16.27 -5.69 -9.17
N LYS A 189 17.22 -6.62 -9.05
CA LYS A 189 17.67 -7.43 -10.18
C LYS A 189 16.88 -8.72 -10.33
N ILE A 190 16.07 -9.09 -9.35
CA ILE A 190 15.40 -10.38 -9.36
C ILE A 190 14.27 -10.35 -10.39
N GLU A 191 14.15 -11.42 -11.17
CA GLU A 191 13.05 -11.50 -12.14
C GLU A 191 11.71 -11.39 -11.43
N PHE A 192 10.81 -10.59 -12.01
CA PHE A 192 9.45 -10.45 -11.51
C PHE A 192 8.52 -10.63 -12.69
N GLY A 193 8.21 -11.88 -13.02
CA GLY A 193 7.31 -12.14 -14.11
C GLY A 193 7.97 -12.22 -15.46
N SER A 194 7.79 -13.35 -16.15
CA SER A 194 8.20 -13.51 -17.54
C SER A 194 9.66 -13.12 -17.77
N GLY A 195 10.52 -13.43 -16.80
CA GLY A 195 11.95 -13.22 -16.97
C GLY A 195 12.41 -11.78 -16.96
N ILE A 196 11.60 -10.85 -16.48
CA ILE A 196 11.92 -9.43 -16.51
C ILE A 196 12.37 -8.98 -15.15
N PRO A 197 13.57 -8.40 -14.98
CA PRO A 197 13.99 -7.94 -13.66
C PRO A 197 13.03 -6.90 -13.12
N PHE A 198 12.86 -6.90 -11.79
CA PHE A 198 11.82 -6.10 -11.15
C PHE A 198 11.88 -4.62 -11.57
N SER A 199 13.02 -3.95 -11.38
CA SER A 199 13.06 -2.52 -11.70
C SER A 199 12.97 -2.27 -13.20
N VAL A 200 13.50 -3.18 -14.03
CA VAL A 200 13.36 -3.02 -15.48
C VAL A 200 11.88 -2.99 -15.85
N ARG A 201 11.08 -3.87 -15.24
CA ARG A 201 9.65 -3.92 -15.53
C ARG A 201 8.97 -2.58 -15.30
N SER A 202 9.19 -1.98 -14.12
CA SER A 202 8.53 -0.72 -13.83
C SER A 202 9.07 0.40 -14.68
N TYR A 203 10.36 0.37 -14.96
CA TYR A 203 10.95 1.38 -15.83
C TYR A 203 10.39 1.29 -17.24
N ASN A 204 10.17 0.07 -17.74
CA ASN A 204 9.53 -0.08 -19.04
C ASN A 204 8.11 0.50 -19.03
N CYS A 205 7.36 0.30 -17.93
CA CYS A 205 6.03 0.90 -17.82
C CYS A 205 6.13 2.42 -17.86
N LEU A 206 7.07 2.98 -17.10
CA LEU A 206 7.24 4.43 -17.03
C LEU A 206 7.60 5.01 -18.40
N SER A 207 8.41 4.28 -19.15
CA SER A 207 8.93 4.74 -20.44
C SER A 207 7.89 4.64 -21.55
N LEU A 208 7.04 3.61 -21.51
CA LEU A 208 6.15 3.31 -22.64
C LEU A 208 4.75 3.86 -22.47
N THR A 209 4.34 4.20 -21.25
CA THR A 209 2.97 4.66 -21.06
C THR A 209 2.79 6.09 -21.58
N ASP A 210 1.54 6.42 -21.89
CA ASP A 210 1.23 7.77 -22.37
C ASP A 210 1.34 8.78 -21.23
N ALA A 211 0.79 8.45 -20.06
CA ALA A 211 0.91 9.32 -18.90
C ALA A 211 1.01 8.45 -17.64
N ILE A 212 1.37 9.10 -16.56
CA ILE A 212 1.57 8.46 -15.25
C ILE A 212 0.68 9.17 -14.24
N GLY A 213 0.17 8.41 -13.27
CA GLY A 213 -0.49 9.00 -12.12
C GLY A 213 -0.14 8.31 -10.82
N PHE A 214 -0.28 9.06 -9.72
CA PHE A 214 -0.06 8.53 -8.39
C PHE A 214 -1.20 8.94 -7.46
N LYS A 215 -1.52 8.07 -6.52
CA LYS A 215 -2.20 8.47 -5.31
C LYS A 215 -1.39 9.56 -4.59
N GLY A 216 -2.09 10.61 -4.13
CA GLY A 216 -1.44 11.66 -3.34
C GLY A 216 -1.92 13.08 -3.62
N CYS A 217 -1.35 14.07 -2.93
CA CYS A 217 -1.70 15.47 -3.11
C CYS A 217 -0.42 16.29 -3.30
N ARG A 218 -0.59 17.51 -3.83
CA ARG A 218 0.56 18.38 -4.04
C ARG A 218 1.34 18.62 -2.75
N GLU A 219 0.62 18.79 -1.64
CA GLU A 219 1.24 19.19 -0.39
C GLU A 219 2.27 18.17 0.11
N ILE A 220 2.10 16.89 -0.22
CA ILE A 220 2.98 15.84 0.27
C ILE A 220 3.76 15.17 -0.86
N GLU A 221 3.05 14.70 -1.88
CA GLU A 221 3.67 13.96 -2.98
C GLU A 221 4.23 14.88 -4.07
N GLY A 222 3.90 16.16 -4.03
CA GLY A 222 4.25 17.10 -5.09
C GLY A 222 5.70 17.11 -5.57
N PRO A 223 6.67 17.16 -4.65
CA PRO A 223 8.06 17.20 -5.12
C PRO A 223 8.45 15.97 -5.92
N TYR A 224 7.90 14.80 -5.60
CA TYR A 224 8.31 13.58 -6.28
C TYR A 224 7.68 13.49 -7.67
N VAL A 225 6.39 13.87 -7.77
CA VAL A 225 5.70 13.89 -9.06
C VAL A 225 6.34 14.92 -9.99
N ASP A 226 6.79 16.06 -9.44
CA ASP A 226 7.51 17.04 -10.25
C ASP A 226 8.81 16.46 -10.77
N TYR A 227 9.58 15.81 -9.89
CA TYR A 227 10.83 15.21 -10.31
C TYR A 227 10.60 14.17 -11.40
N LEU A 228 9.56 13.34 -11.24
CA LEU A 228 9.28 12.31 -12.23
C LEU A 228 8.80 12.90 -13.55
N GLN A 229 8.01 13.99 -13.49
CA GLN A 229 7.60 14.66 -14.72
C GLN A 229 8.81 15.23 -15.46
N GLU A 230 9.78 15.79 -14.72
CA GLU A 230 10.97 16.33 -15.38
C GLU A 230 11.83 15.21 -15.95
N GLN A 231 11.91 14.07 -15.25
CA GLN A 231 12.77 12.98 -15.71
C GLN A 231 12.18 12.24 -16.90
N PHE A 232 10.87 11.97 -16.88
CA PHE A 232 10.26 11.19 -17.96
C PHE A 232 9.56 12.06 -19.00
N GLY A 233 9.48 13.37 -18.78
CA GLY A 233 8.97 14.28 -19.80
C GLY A 233 7.55 14.04 -20.27
N LYS A 234 6.69 13.49 -19.43
CA LYS A 234 5.28 13.23 -19.76
C LYS A 234 4.48 13.55 -18.54
N PRO A 235 3.15 13.67 -18.65
CA PRO A 235 2.35 14.09 -17.50
C PRO A 235 2.40 13.06 -16.39
N VAL A 236 2.63 13.54 -15.17
CA VAL A 236 2.58 12.74 -13.96
C VAL A 236 1.51 13.38 -13.08
N LEU A 237 0.34 12.75 -13.03
CA LEU A 237 -0.82 13.33 -12.37
C LEU A 237 -0.92 12.88 -10.92
N LEU A 238 -1.77 13.57 -10.16
CA LEU A 238 -2.11 13.21 -8.78
C LEU A 238 -3.60 13.02 -8.69
N SER A 239 -4.04 11.87 -8.17
CA SER A 239 -5.47 11.62 -8.07
C SER A 239 -6.12 12.26 -6.85
N GLY A 240 -5.34 12.85 -5.95
CA GLY A 240 -5.80 13.08 -4.61
C GLY A 240 -5.41 11.91 -3.72
N PRO A 241 -5.60 12.04 -2.41
CA PRO A 241 -5.08 11.05 -1.46
C PRO A 241 -5.89 9.77 -1.36
N VAL A 242 -6.93 9.61 -2.19
CA VAL A 242 -7.80 8.44 -2.24
C VAL A 242 -8.32 8.17 -0.84
N LEU A 243 -9.06 9.13 -0.29
CA LEU A 243 -9.63 8.96 1.02
C LEU A 243 -10.57 7.75 1.01
N PRO A 244 -10.51 6.88 2.00
CA PRO A 244 -11.36 5.68 1.97
C PRO A 244 -12.84 6.03 1.91
N GLU A 245 -13.56 5.31 1.04
CA GLU A 245 -15.00 5.45 0.95
C GLU A 245 -15.66 4.57 2.01
N GLN A 246 -16.92 4.87 2.32
CA GLN A 246 -17.61 4.10 3.34
C GLN A 246 -18.12 2.79 2.77
N SER A 247 -18.00 1.71 3.55
CA SER A 247 -18.45 0.43 3.04
C SER A 247 -19.94 0.26 3.27
N LYS A 248 -20.53 -0.67 2.52
CA LYS A 248 -21.93 -1.04 2.70
C LYS A 248 -22.12 -2.04 3.82
N THR A 249 -21.07 -2.41 4.54
CA THR A 249 -21.06 -3.44 5.58
C THR A 249 -20.62 -2.78 6.88
N ALA A 250 -21.50 -2.77 7.88
CA ALA A 250 -21.12 -2.23 9.18
C ALA A 250 -20.10 -3.15 9.87
N LEU A 251 -19.49 -2.64 10.96
CA LEU A 251 -18.44 -3.38 11.63
C LEU A 251 -18.97 -4.68 12.22
N ASP A 252 -18.24 -5.77 11.99
CA ASP A 252 -18.59 -7.07 12.58
C ASP A 252 -18.91 -6.93 14.06
N GLU A 253 -20.10 -7.40 14.43
CA GLU A 253 -20.57 -7.27 15.80
C GLU A 253 -19.60 -7.90 16.79
N LYS A 254 -18.92 -8.97 16.39
CA LYS A 254 -17.97 -9.63 17.29
C LYS A 254 -16.83 -8.69 17.67
N TRP A 255 -16.30 -7.93 16.70
CA TRP A 255 -15.25 -6.98 17.04
C TRP A 255 -15.83 -5.74 17.70
N GLY A 256 -16.98 -5.26 17.21
CA GLY A 256 -17.59 -4.08 17.81
C GLY A 256 -17.87 -4.26 19.28
N SER A 257 -18.38 -5.43 19.66
CA SER A 257 -18.67 -5.72 21.06
C SER A 257 -17.38 -5.74 21.88
N TRP A 258 -16.36 -6.42 21.36
CA TRP A 258 -15.11 -6.58 22.11
C TRP A 258 -14.37 -5.26 22.25
N LEU A 259 -14.23 -4.51 21.15
CA LEU A 259 -13.57 -3.22 21.22
C LEU A 259 -14.31 -2.27 22.15
N GLY A 260 -15.65 -2.36 22.16
CA GLY A 260 -16.46 -1.47 22.98
C GLY A 260 -16.28 -1.65 24.47
N GLY A 261 -15.71 -2.78 24.89
CA GLY A 261 -15.39 -3.00 26.29
C GLY A 261 -14.16 -2.29 26.81
N PHE A 262 -13.40 -1.59 25.96
CA PHE A 262 -12.20 -0.91 26.39
C PHE A 262 -12.42 0.60 26.45
N LYS A 263 -11.65 1.26 27.32
CA LYS A 263 -11.74 2.70 27.49
C LYS A 263 -11.31 3.38 26.20
N ASP A 264 -11.85 4.58 25.95
CA ASP A 264 -11.45 5.33 24.76
C ASP A 264 -9.95 5.55 24.71
N GLY A 265 -9.37 5.34 23.51
CA GLY A 265 -7.96 5.59 23.26
C GLY A 265 -6.99 4.66 23.95
N SER A 266 -7.43 3.55 24.52
CA SER A 266 -6.52 2.71 25.31
C SER A 266 -5.95 1.51 24.56
N LEU A 267 -6.47 1.18 23.38
CA LEU A 267 -6.12 -0.06 22.70
C LEU A 267 -5.09 0.18 21.60
N VAL A 268 -4.12 -0.74 21.52
CA VAL A 268 -3.09 -0.73 20.48
C VAL A 268 -3.50 -1.71 19.38
N TYR A 269 -3.76 -1.20 18.19
CA TYR A 269 -4.05 -2.02 17.03
C TYR A 269 -2.79 -2.19 16.21
N CYS A 270 -2.44 -3.44 15.91
CA CYS A 270 -1.24 -3.75 15.15
C CYS A 270 -1.60 -4.62 13.94
N ALA A 271 -1.20 -4.21 12.75
CA ALA A 271 -1.52 -5.01 11.57
C ALA A 271 -0.43 -4.76 10.53
N LEU A 272 0.00 -5.84 9.85
CA LEU A 272 1.07 -5.73 8.87
C LEU A 272 0.56 -6.08 7.48
N GLY A 273 -0.68 -5.72 7.19
CA GLY A 273 -1.23 -5.87 5.85
C GLY A 273 -1.69 -7.30 5.57
N SER A 274 -1.90 -7.55 4.28
CA SER A 274 -2.55 -8.77 3.83
C SER A 274 -1.60 -9.72 3.10
N GLU A 275 -0.32 -9.38 2.99
CA GLU A 275 0.60 -10.14 2.16
C GLU A 275 1.64 -10.89 2.96
N LEU A 276 2.20 -10.28 4.00
CA LEU A 276 3.46 -10.77 4.52
C LEU A 276 3.27 -11.64 5.76
N LYS A 277 4.26 -12.50 5.99
CA LYS A 277 4.38 -13.33 7.18
C LYS A 277 5.72 -12.99 7.85
N LEU A 278 5.70 -12.76 9.16
CA LEU A 278 6.92 -12.57 9.92
C LEU A 278 7.64 -13.90 10.14
N LYS A 279 8.95 -13.84 10.37
CA LYS A 279 9.65 -14.99 10.90
C LYS A 279 9.34 -15.12 12.39
N GLN A 280 9.41 -16.34 12.90
CA GLN A 280 8.97 -16.60 14.28
C GLN A 280 9.62 -15.67 15.30
N ASP A 281 10.93 -15.47 15.20
CA ASP A 281 11.64 -14.73 16.25
C ASP A 281 11.14 -13.29 16.33
N GLN A 282 10.80 -12.68 15.17
CA GLN A 282 10.29 -11.31 15.20
C GLN A 282 8.81 -11.24 15.54
N PHE A 283 8.06 -12.27 15.16
CA PHE A 283 6.69 -12.46 15.66
C PHE A 283 6.70 -12.48 17.18
N HIS A 284 7.60 -13.28 17.78
CA HIS A 284 7.70 -13.31 19.24
C HIS A 284 8.06 -11.94 19.81
N GLU A 285 9.07 -11.27 19.23
CA GLU A 285 9.49 -9.99 19.78
C GLU A 285 8.39 -8.95 19.69
N LEU A 286 7.63 -8.96 18.59
CA LEU A 286 6.53 -8.01 18.44
C LEU A 286 5.45 -8.25 19.49
N LEU A 287 5.04 -9.52 19.67
CA LEU A 287 3.96 -9.81 20.61
C LEU A 287 4.39 -9.57 22.06
N LEU A 288 5.62 -9.95 22.41
CA LEU A 288 6.12 -9.65 23.76
C LEU A 288 6.24 -8.15 23.98
N GLY A 289 6.59 -7.39 22.94
CA GLY A 289 6.68 -5.96 23.10
C GLY A 289 5.34 -5.32 23.36
N LEU A 290 4.29 -5.78 22.65
CA LEU A 290 2.95 -5.32 22.91
C LEU A 290 2.51 -5.68 24.33
N GLU A 291 2.78 -6.93 24.75
CA GLU A 291 2.41 -7.33 26.11
C GLU A 291 3.11 -6.45 27.16
N LEU A 292 4.39 -6.12 26.92
CA LEU A 292 5.15 -5.34 27.89
C LEU A 292 4.52 -3.99 28.16
N THR A 293 3.78 -3.43 27.18
CA THR A 293 3.18 -2.12 27.37
C THR A 293 2.06 -2.14 28.39
N GLY A 294 1.45 -3.30 28.63
CA GLY A 294 0.31 -3.38 29.51
C GLY A 294 -0.98 -2.79 28.97
N PHE A 295 -0.98 -2.29 27.67
CA PHE A 295 -2.22 -1.87 27.05
C PHE A 295 -2.94 -3.04 26.41
N PRO A 296 -4.26 -2.99 26.35
CA PRO A 296 -4.98 -3.93 25.51
C PRO A 296 -4.54 -3.78 24.05
N PHE A 297 -4.60 -4.87 23.31
CA PHE A 297 -4.11 -4.84 21.95
C PHE A 297 -4.87 -5.84 21.09
N LEU A 298 -4.93 -5.54 19.79
CA LEU A 298 -5.46 -6.43 18.78
C LEU A 298 -4.40 -6.49 17.69
N ALA A 299 -3.83 -7.67 17.49
CA ALA A 299 -2.77 -7.90 16.52
C ALA A 299 -3.29 -8.77 15.39
N ILE A 300 -3.29 -8.23 14.18
CA ILE A 300 -3.79 -8.92 12.99
C ILE A 300 -2.55 -9.39 12.21
N LEU A 301 -2.25 -10.69 12.30
CA LEU A 301 -0.99 -11.24 11.84
C LEU A 301 -1.20 -12.62 11.25
N LYS A 302 -0.43 -12.93 10.20
CA LYS A 302 -0.41 -14.32 9.75
C LYS A 302 0.49 -15.13 10.66
N PRO A 303 0.24 -16.43 10.80
CA PRO A 303 1.19 -17.26 11.53
C PRO A 303 2.57 -17.13 10.89
N PRO A 304 3.61 -17.12 11.71
CA PRO A 304 4.97 -16.87 11.17
C PRO A 304 5.42 -17.99 10.26
N VAL A 305 6.50 -17.71 9.54
CA VAL A 305 7.04 -18.67 8.58
C VAL A 305 7.32 -19.99 9.28
N GLY A 306 6.81 -21.08 8.69
CA GLY A 306 7.00 -22.40 9.24
C GLY A 306 5.90 -22.88 10.14
N PHE A 307 4.91 -22.02 10.44
CA PHE A 307 3.82 -22.34 11.35
C PHE A 307 2.49 -22.20 10.62
N GLU A 308 1.49 -22.99 11.03
CA GLU A 308 0.18 -22.91 10.40
C GLU A 308 -0.91 -22.33 11.27
N THR A 309 -0.68 -22.15 12.57
CA THR A 309 -1.64 -21.52 13.45
C THR A 309 -0.96 -20.50 14.34
N ILE A 310 -1.72 -19.48 14.72
CA ILE A 310 -1.24 -18.50 15.69
C ILE A 310 -0.92 -19.18 17.01
N GLU A 311 -1.80 -20.07 17.46
CA GLU A 311 -1.65 -20.73 18.76
C GLU A 311 -0.32 -21.47 18.88
N ASP A 312 0.08 -22.19 17.84
CA ASP A 312 1.34 -22.92 17.87
C ASP A 312 2.55 -22.00 17.95
N ALA A 313 2.44 -20.76 17.48
CA ALA A 313 3.59 -19.90 17.38
C ALA A 313 3.69 -18.88 18.51
N LEU A 314 2.68 -18.79 19.38
CA LEU A 314 2.71 -17.79 20.45
C LEU A 314 3.86 -18.10 21.41
N PRO A 315 4.47 -17.08 22.01
CA PRO A 315 5.48 -17.35 23.04
C PRO A 315 4.86 -18.09 24.22
N GLU A 316 5.68 -18.90 24.89
CA GLU A 316 5.15 -19.77 25.93
C GLU A 316 4.49 -18.96 27.04
N GLY A 317 3.30 -19.39 27.44
CA GLY A 317 2.53 -18.72 28.47
C GLY A 317 1.81 -17.47 28.04
N PHE A 318 1.85 -17.13 26.74
CA PHE A 318 1.37 -15.82 26.30
C PHE A 318 -0.14 -15.70 26.50
N LYS A 319 -0.93 -16.66 26.00
CA LYS A 319 -2.38 -16.59 26.15
C LYS A 319 -2.77 -16.46 27.61
N GLU A 320 -2.14 -17.26 28.47
CA GLU A 320 -2.49 -17.28 29.89
C GLU A 320 -2.23 -15.94 30.54
N ARG A 321 -1.21 -15.21 30.08
CA ARG A 321 -0.86 -13.95 30.70
C ARG A 321 -1.76 -12.83 30.22
N VAL A 322 -2.00 -12.76 28.91
CA VAL A 322 -2.71 -11.61 28.36
C VAL A 322 -4.21 -11.75 28.52
N LYS A 323 -4.71 -12.96 28.76
CA LYS A 323 -6.11 -13.17 29.10
C LYS A 323 -7.03 -12.52 28.06
N GLU A 324 -7.94 -11.67 28.51
CA GLU A 324 -8.90 -11.02 27.64
C GLU A 324 -8.43 -9.66 27.13
N LYS A 325 -7.24 -9.21 27.54
CA LYS A 325 -6.77 -7.89 27.15
C LYS A 325 -6.07 -7.88 25.79
N GLY A 326 -5.72 -9.05 25.24
CA GLY A 326 -5.07 -9.08 23.94
C GLY A 326 -5.57 -10.20 23.07
N ILE A 327 -5.75 -9.93 21.78
CA ILE A 327 -6.12 -10.93 20.78
C ILE A 327 -5.10 -10.87 19.67
N VAL A 328 -4.62 -12.05 19.25
CA VAL A 328 -3.83 -12.20 18.04
C VAL A 328 -4.65 -13.03 17.05
N HIS A 329 -4.95 -12.44 15.90
CA HIS A 329 -5.96 -12.93 14.98
C HIS A 329 -5.43 -13.01 13.57
N SER A 330 -5.71 -14.14 12.91
CA SER A 330 -5.19 -14.40 11.57
C SER A 330 -6.11 -13.95 10.42
N GLY A 331 -7.40 -13.79 10.64
CA GLY A 331 -8.30 -13.59 9.52
C GLY A 331 -8.37 -12.14 9.05
N TRP A 332 -8.91 -11.97 7.83
CA TRP A 332 -9.20 -10.64 7.29
C TRP A 332 -10.23 -9.91 8.14
N ILE A 333 -9.96 -8.66 8.49
CA ILE A 333 -10.93 -7.89 9.26
C ILE A 333 -11.17 -6.56 8.56
N GLN A 334 -12.17 -5.82 9.04
CA GLN A 334 -12.52 -4.53 8.46
C GLN A 334 -11.62 -3.47 9.09
N GLN A 335 -10.37 -3.41 8.59
CA GLN A 335 -9.35 -2.56 9.21
C GLN A 335 -9.78 -1.10 9.24
N GLN A 336 -10.37 -0.62 8.14
CA GLN A 336 -10.77 0.79 8.09
C GLN A 336 -11.77 1.11 9.19
N LEU A 337 -12.67 0.19 9.48
CA LEU A 337 -13.67 0.42 10.51
C LEU A 337 -13.10 0.23 11.91
N ILE A 338 -12.13 -0.66 12.05
CA ILE A 338 -11.46 -0.79 13.35
C ILE A 338 -10.69 0.47 13.69
N LEU A 339 -9.99 1.06 12.71
CA LEU A 339 -9.21 2.27 13.01
C LEU A 339 -10.10 3.45 13.37
N GLU A 340 -11.38 3.42 12.99
CA GLU A 340 -12.30 4.50 13.36
C GLU A 340 -12.87 4.32 14.75
N HIS A 341 -12.69 3.15 15.36
CA HIS A 341 -13.31 2.89 16.66
C HIS A 341 -12.63 3.72 17.75
N PRO A 342 -13.39 4.32 18.66
CA PRO A 342 -12.77 5.20 19.67
C PRO A 342 -11.86 4.49 20.65
N SER A 343 -11.94 3.16 20.75
CA SER A 343 -11.04 2.44 21.65
C SER A 343 -9.59 2.50 21.20
N VAL A 344 -9.35 2.69 19.90
CA VAL A 344 -8.00 2.55 19.34
C VAL A 344 -7.21 3.81 19.62
N GLY A 345 -6.10 3.68 20.36
CA GLY A 345 -5.25 4.81 20.64
C GLY A 345 -3.95 4.79 19.87
N CYS A 346 -3.59 3.63 19.31
CA CYS A 346 -2.29 3.45 18.69
C CYS A 346 -2.41 2.45 17.55
N PHE A 347 -1.73 2.74 16.43
CA PHE A 347 -1.67 1.86 15.27
C PHE A 347 -0.22 1.52 15.00
N VAL A 348 0.15 0.25 15.19
CA VAL A 348 1.47 -0.26 14.81
C VAL A 348 1.33 -0.79 13.40
N THR A 349 1.99 -0.14 12.44
CA THR A 349 1.72 -0.36 11.03
C THR A 349 2.99 -0.76 10.29
N HIS A 350 2.84 -1.68 9.32
CA HIS A 350 3.93 -2.02 8.43
C HIS A 350 4.17 -0.96 7.37
N CYS A 351 3.43 0.15 7.40
CA CYS A 351 3.67 1.29 6.52
C CYS A 351 3.32 1.01 5.06
N GLY A 352 2.43 0.06 4.80
CA GLY A 352 1.79 0.00 3.49
C GLY A 352 1.01 1.27 3.21
N ALA A 353 1.01 1.70 1.95
CA ALA A 353 0.48 3.03 1.65
C ALA A 353 -1.01 3.13 1.94
N GLY A 354 -1.73 2.00 1.84
CA GLY A 354 -3.16 2.05 2.15
C GLY A 354 -3.40 2.19 3.63
N SER A 355 -2.64 1.43 4.43
CA SER A 355 -2.76 1.50 5.88
C SER A 355 -2.33 2.87 6.40
N ILE A 356 -1.31 3.45 5.79
CA ILE A 356 -0.88 4.81 6.19
C ILE A 356 -2.01 5.81 6.00
N THR A 357 -2.67 5.78 4.84
CA THR A 357 -3.77 6.72 4.63
C THR A 357 -4.85 6.52 5.66
N GLU A 358 -5.18 5.26 5.96
CA GLU A 358 -6.24 4.96 6.90
C GLU A 358 -5.87 5.41 8.30
N GLY A 359 -4.61 5.24 8.69
CA GLY A 359 -4.15 5.82 9.95
C GLY A 359 -4.20 7.34 9.98
N LEU A 360 -3.71 7.99 8.92
CA LEU A 360 -3.58 9.45 8.94
C LEU A 360 -4.94 10.13 9.08
N VAL A 361 -6.00 9.56 8.48
CA VAL A 361 -7.29 10.26 8.54
C VAL A 361 -8.03 9.97 9.85
N ASN A 362 -7.42 9.22 10.76
CA ASN A 362 -8.01 8.90 12.05
C ASN A 362 -7.15 9.49 13.17
N ASN A 363 -7.51 9.17 14.42
CA ASN A 363 -6.91 9.85 15.57
C ASN A 363 -5.80 9.04 16.22
N CYS A 364 -5.62 7.77 15.83
CA CYS A 364 -4.64 6.90 16.46
C CYS A 364 -3.22 7.43 16.32
N GLN A 365 -2.43 7.30 17.39
CA GLN A 365 -1.01 7.55 17.30
C GLN A 365 -0.36 6.46 16.43
N MET A 366 0.57 6.87 15.59
CA MET A 366 1.22 5.95 14.66
C MET A 366 2.59 5.49 15.15
N VAL A 367 2.79 4.18 15.19
CA VAL A 367 4.07 3.55 15.43
C VAL A 367 4.48 2.83 14.15
N LEU A 368 5.67 3.14 13.64
CA LEU A 368 6.06 2.72 12.31
C LEU A 368 6.96 1.49 12.41
N LEU A 369 6.50 0.40 11.81
CA LEU A 369 7.24 -0.88 11.81
C LEU A 369 7.38 -1.37 10.38
N PRO A 370 8.07 -0.62 9.53
CA PRO A 370 8.08 -0.98 8.10
C PRO A 370 8.70 -2.34 7.90
N GLN A 371 8.08 -3.14 7.04
CA GLN A 371 8.67 -4.42 6.68
C GLN A 371 9.55 -4.24 5.44
N LEU A 372 10.22 -5.33 5.03
CA LEU A 372 11.36 -5.19 4.11
C LEU A 372 10.85 -5.07 2.67
N ASN A 373 10.57 -3.84 2.29
CA ASN A 373 9.97 -3.51 1.00
C ASN A 373 10.24 -2.02 0.81
N GLY A 374 10.68 -1.63 -0.39
CA GLY A 374 11.10 -0.24 -0.59
C GLY A 374 10.02 0.78 -0.26
N ASP A 375 8.78 0.50 -0.64
CA ASP A 375 7.72 1.49 -0.36
C ASP A 375 7.44 1.59 1.13
N TYR A 376 7.41 0.46 1.85
CA TYR A 376 7.18 0.54 3.30
C TYR A 376 8.27 1.34 3.97
N ILE A 377 9.52 1.08 3.58
CA ILE A 377 10.66 1.76 4.22
C ILE A 377 10.61 3.25 3.91
N ILE A 378 10.33 3.60 2.66
CA ILE A 378 10.36 5.01 2.32
C ILE A 378 9.15 5.75 2.92
N ASN A 379 7.98 5.11 2.93
CA ASN A 379 6.83 5.64 3.66
C ASN A 379 7.19 5.89 5.12
N ALA A 380 7.89 4.92 5.74
CA ALA A 380 8.25 5.07 7.15
C ALA A 380 9.19 6.24 7.37
N ARG A 381 10.21 6.41 6.51
CA ARG A 381 11.10 7.57 6.66
C ARG A 381 10.35 8.87 6.47
N ILE A 382 9.48 8.95 5.47
CA ILE A 382 8.73 10.17 5.24
C ILE A 382 7.80 10.47 6.42
N MET A 383 7.13 9.44 6.93
CA MET A 383 6.19 9.66 8.02
C MET A 383 6.92 9.98 9.33
N GLY A 384 8.07 9.36 9.56
CA GLY A 384 8.80 9.54 10.79
C GLY A 384 9.68 10.76 10.82
N ARG A 385 10.28 11.10 9.67
CA ARG A 385 11.30 12.16 9.62
C ARG A 385 10.86 13.42 8.91
N HIS A 386 9.93 13.33 7.97
CA HIS A 386 9.49 14.52 7.26
C HIS A 386 8.18 15.05 7.83
N LEU A 387 7.11 14.25 7.76
CA LEU A 387 5.84 14.65 8.35
C LEU A 387 5.88 14.56 9.87
N LYS A 388 6.72 13.67 10.40
CA LYS A 388 6.89 13.50 11.83
C LYS A 388 5.56 13.22 12.53
N VAL A 389 4.80 12.28 11.95
CA VAL A 389 3.50 11.90 12.49
C VAL A 389 3.54 10.56 13.22
N GLY A 390 4.69 9.90 13.26
CA GLY A 390 4.81 8.66 13.99
C GLY A 390 6.22 8.45 14.49
N VAL A 391 6.35 7.44 15.34
CA VAL A 391 7.62 7.02 15.93
C VAL A 391 8.01 5.68 15.32
N GLU A 392 9.22 5.59 14.74
CA GLU A 392 9.66 4.36 14.10
C GLU A 392 10.37 3.46 15.10
N VAL A 393 10.00 2.17 15.09
CA VAL A 393 10.72 1.15 15.85
C VAL A 393 12.11 0.95 15.27
N LYS A 394 13.12 0.91 16.13
CA LYS A 394 14.52 0.82 15.71
C LYS A 394 14.85 -0.62 15.31
N LYS A 395 15.53 -0.78 14.18
CA LYS A 395 16.04 -2.05 13.68
C LYS A 395 17.57 -2.04 13.72
N GLY A 396 18.15 -3.24 13.85
CA GLY A 396 19.59 -3.36 13.72
C GLY A 396 20.09 -2.86 12.36
N GLU A 397 21.19 -2.12 12.39
CA GLU A 397 21.69 -1.51 11.15
C GLU A 397 21.98 -2.56 10.07
N GLU A 398 22.58 -3.68 10.43
CA GLU A 398 22.94 -4.69 9.44
C GLU A 398 21.98 -5.87 9.41
N ASP A 399 21.34 -6.22 10.53
CA ASP A 399 20.50 -7.41 10.56
C ASP A 399 19.02 -7.12 10.36
N GLY A 400 18.59 -5.85 10.41
CA GLY A 400 17.20 -5.55 10.15
C GLY A 400 16.21 -6.09 11.16
N LEU A 401 16.67 -6.44 12.36
CA LEU A 401 15.81 -7.00 13.40
C LEU A 401 15.53 -5.99 14.50
N PHE A 402 14.38 -6.15 15.16
CA PHE A 402 14.01 -5.33 16.31
C PHE A 402 13.90 -6.20 17.56
N THR A 403 14.00 -5.54 18.71
CA THR A 403 13.80 -6.15 20.02
C THR A 403 12.40 -5.83 20.52
N LYS A 404 11.94 -6.65 21.45
CA LYS A 404 10.67 -6.38 22.11
C LYS A 404 10.73 -5.07 22.90
N GLU A 405 11.92 -4.72 23.42
CA GLU A 405 12.04 -3.45 24.13
C GLU A 405 11.87 -2.25 23.20
N SER A 406 12.29 -2.38 21.94
CA SER A 406 12.12 -1.28 20.99
C SER A 406 10.67 -1.09 20.58
N VAL A 407 9.91 -2.18 20.48
CA VAL A 407 8.47 -2.09 20.25
C VAL A 407 7.79 -1.46 21.45
N TYR A 408 8.05 -2.00 22.64
CA TYR A 408 7.55 -1.41 23.89
C TYR A 408 7.84 0.08 23.95
N GLU A 409 9.08 0.47 23.70
CA GLU A 409 9.47 1.88 23.82
C GLU A 409 8.65 2.77 22.90
N ALA A 410 8.48 2.35 21.65
CA ALA A 410 7.81 3.23 20.70
C ALA A 410 6.34 3.39 21.06
N VAL A 411 5.69 2.31 21.48
CA VAL A 411 4.28 2.40 21.88
C VAL A 411 4.16 3.25 23.15
N LYS A 412 5.05 3.03 24.11
CA LYS A 412 5.00 3.77 25.37
C LYS A 412 5.14 5.27 25.12
N ILE A 413 6.05 5.66 24.21
CA ILE A 413 6.26 7.07 23.90
C ILE A 413 4.98 7.71 23.37
N VAL A 414 4.35 7.08 22.39
CA VAL A 414 3.22 7.73 21.77
C VAL A 414 1.98 7.66 22.65
N MET A 415 1.92 6.69 23.56
CA MET A 415 0.70 6.61 24.34
C MET A 415 0.79 7.37 25.66
N ASP A 416 1.97 7.90 25.97
CA ASP A 416 2.21 8.64 27.21
C ASP A 416 1.84 10.12 27.00
N ASP A 417 0.72 10.54 27.59
CA ASP A 417 0.22 11.90 27.42
C ASP A 417 1.23 12.96 27.83
N GLU A 418 2.17 12.61 28.71
CA GLU A 418 3.15 13.56 29.21
C GLU A 418 4.50 13.44 28.51
N ASN A 419 4.62 12.54 27.53
CA ASN A 419 5.84 12.42 26.74
C ASN A 419 5.81 13.44 25.61
N GLU A 420 6.85 14.27 25.51
CA GLU A 420 6.78 15.37 24.56
C GLU A 420 6.93 14.91 23.12
N ILE A 421 7.68 13.83 22.87
CA ILE A 421 7.69 13.26 21.52
C ILE A 421 6.30 12.77 21.14
N GLY A 422 5.61 12.09 22.06
CA GLY A 422 4.24 11.67 21.81
C GLY A 422 3.32 12.84 21.51
N ARG A 423 3.40 13.90 22.31
CA ARG A 423 2.58 15.07 22.05
C ARG A 423 2.92 15.69 20.70
N GLU A 424 4.20 15.68 20.34
CA GLU A 424 4.64 16.22 19.06
C GLU A 424 4.05 15.44 17.89
N VAL A 425 4.18 14.11 17.91
CA VAL A 425 3.66 13.38 16.76
C VAL A 425 2.15 13.47 16.72
N ARG A 426 1.48 13.61 17.88
CA ARG A 426 0.03 13.80 17.85
C ARG A 426 -0.32 15.11 17.18
N SER A 427 0.37 16.20 17.55
CA SER A 427 0.10 17.49 16.95
C SER A 427 0.35 17.46 15.43
N ASN A 428 1.47 16.89 15.01
CA ASN A 428 1.76 16.80 13.59
C ASN A 428 0.75 15.94 12.85
N HIS A 429 0.34 14.83 13.46
CA HIS A 429 -0.69 14.00 12.85
C HIS A 429 -1.98 14.78 12.68
N THR A 430 -2.38 15.56 13.69
CA THR A 430 -3.57 16.38 13.58
C THR A 430 -3.47 17.35 12.42
N LYS A 431 -2.29 17.98 12.25
CA LYS A 431 -2.09 18.88 11.13
C LYS A 431 -2.24 18.16 9.79
N VAL A 432 -1.70 16.94 9.68
CA VAL A 432 -1.80 16.19 8.42
C VAL A 432 -3.22 15.71 8.17
N ARG A 433 -3.90 15.22 9.21
CA ARG A 433 -5.31 14.86 9.04
C ARG A 433 -6.15 16.05 8.61
N ASN A 434 -5.95 17.22 9.24
CA ASN A 434 -6.70 18.41 8.86
C ASN A 434 -6.43 18.78 7.40
N LEU A 435 -5.19 18.59 6.93
CA LEU A 435 -4.91 18.79 5.51
C LEU A 435 -5.65 17.78 4.63
N LEU A 436 -5.49 16.50 4.89
CA LEU A 436 -6.07 15.49 4.01
C LEU A 436 -7.59 15.54 3.98
N LEU A 437 -8.23 15.89 5.10
CA LEU A 437 -9.67 15.99 5.18
C LEU A 437 -10.19 17.41 4.88
N ARG A 438 -9.32 18.35 4.51
CA ARG A 438 -9.79 19.71 4.21
C ARG A 438 -10.93 19.67 3.19
N HIS A 439 -11.95 20.50 3.40
CA HIS A 439 -13.18 20.35 2.62
C HIS A 439 -12.93 20.38 1.11
N ASP A 440 -11.89 21.08 0.67
CA ASP A 440 -11.63 21.24 -0.75
C ASP A 440 -10.37 20.51 -1.24
N LEU A 441 -9.70 19.75 -0.38
CA LEU A 441 -8.43 19.16 -0.80
C LEU A 441 -8.67 18.03 -1.81
N GLU A 442 -9.39 16.97 -1.42
CA GLU A 442 -9.54 15.86 -2.36
C GLU A 442 -10.34 16.30 -3.59
N SER A 443 -11.35 17.15 -3.39
CA SER A 443 -12.17 17.58 -4.53
C SER A 443 -11.36 18.36 -5.54
N SER A 444 -10.49 19.27 -5.06
CA SER A 444 -9.70 20.05 -6.01
C SER A 444 -8.62 19.20 -6.66
N CYS A 445 -8.09 18.20 -5.95
CA CYS A 445 -7.22 17.23 -6.62
C CYS A 445 -7.95 16.50 -7.74
N LEU A 446 -9.18 16.05 -7.49
CA LEU A 446 -9.91 15.30 -8.51
C LEU A 446 -10.31 16.21 -9.65
N ASP A 447 -10.64 17.47 -9.36
CA ASP A 447 -10.92 18.44 -10.43
C ASP A 447 -9.76 18.52 -11.40
N THR A 448 -8.55 18.75 -10.87
CA THR A 448 -7.37 18.83 -11.71
C THR A 448 -7.09 17.50 -12.40
N PHE A 449 -7.18 16.40 -11.65
CA PHE A 449 -6.99 15.06 -12.21
C PHE A 449 -7.89 14.83 -13.42
N CYS A 450 -9.19 15.12 -13.28
CA CYS A 450 -10.10 14.86 -14.38
C CYS A 450 -9.88 15.84 -15.54
N GLU A 451 -9.49 17.09 -15.26
CA GLU A 451 -9.15 18.00 -16.35
C GLU A 451 -7.96 17.50 -17.17
N LYS A 452 -6.95 16.96 -16.50
CA LYS A 452 -5.79 16.45 -17.24
C LYS A 452 -6.07 15.13 -17.93
N LEU A 453 -6.98 14.31 -17.39
CA LEU A 453 -7.38 13.12 -18.15
C LEU A 453 -8.11 13.51 -19.42
N GLN A 454 -8.98 14.52 -19.35
CA GLN A 454 -9.64 15.02 -20.54
C GLN A 454 -8.64 15.53 -21.56
N GLU A 455 -7.61 16.26 -21.11
CA GLU A 455 -6.55 16.68 -22.02
C GLU A 455 -5.86 15.50 -22.66
N LEU A 456 -5.69 14.41 -21.89
CA LEU A 456 -5.00 13.24 -22.41
C LEU A 456 -5.76 12.61 -23.56
N VAL A 457 -7.09 12.60 -23.50
CA VAL A 457 -7.89 11.97 -24.55
C VAL A 457 -8.30 12.98 -25.62
N SER A 458 -7.74 14.18 -25.56
CA SER A 458 -7.97 15.16 -26.62
C SER A 458 -6.87 15.12 -27.67
#